data_5Z7I
#
_entry.id   5Z7I
#
_cell.length_a   49.909
_cell.length_b   64.896
_cell.length_c   126.474
_cell.angle_alpha   90.00
_cell.angle_beta   90.00
_cell.angle_gamma   90.00
#
_symmetry.space_group_name_H-M   'C 2 2 21'
#
loop_
_entity.id
_entity.type
_entity.pdbx_description
1 polymer 'Cell cycle regulatory protein GcrA'
2 polymer "DNA (5'-D(*CP*CP*CP*TP*GP*AP*TP*TP*CP*GP*C*)-3')"
3 polymer "DNA (5'-D(P*GP*CP*GP*AP*AP*TP*CP*AP*GP*G)-3')"
4 non-polymer (R,R)-2,3-BUTANEDIOL
5 water water
#
loop_
_entity_poly.entity_id
_entity_poly.type
_entity_poly.pdbx_seq_one_letter_code
_entity_poly.pdbx_strand_id
1 'polypeptide(L)' GAMDMSWTDERVSTLKKLWLDGLSASQIAKQLGGVTRNAVIGKVHRLGL A,B,C
2 'polydeoxyribonucleotide' (DC)(DC)(DC)(DT)(DG)(DA)(DT)(DT)(DC)(DG)(DC) D
3 'polydeoxyribonucleotide' (DG)(DC)(DG)(DA)(DA)(DT)(DC)(DA)(DG)(DG) E
#
# COMPACT_ATOMS: atom_id res chain seq x y z
N MET A 5 -5.92 -1.09 -16.69
CA MET A 5 -7.28 -0.80 -16.26
C MET A 5 -7.53 0.69 -16.06
N SER A 6 -8.72 1.02 -15.58
CA SER A 6 -9.14 2.39 -15.35
C SER A 6 -9.66 2.56 -13.93
N TRP A 7 -9.82 3.80 -13.49
CA TRP A 7 -10.32 4.09 -12.14
C TRP A 7 -11.83 3.94 -12.10
N THR A 8 -12.24 2.69 -12.16
CA THR A 8 -13.63 2.33 -11.93
C THR A 8 -14.01 2.69 -10.49
N ASP A 9 -15.30 2.78 -10.21
CA ASP A 9 -15.70 3.09 -8.86
C ASP A 9 -15.21 2.00 -7.88
N GLU A 10 -15.19 0.74 -8.33
CA GLU A 10 -14.71 -0.36 -7.49
C GLU A 10 -13.24 -0.16 -7.10
N ARG A 11 -12.44 0.14 -8.11
CA ARG A 11 -11.00 0.30 -7.90
C ARG A 11 -10.71 1.53 -7.03
N VAL A 12 -11.46 2.60 -7.22
CA VAL A 12 -11.31 3.78 -6.37
C VAL A 12 -11.69 3.46 -4.93
N SER A 13 -12.77 2.69 -4.75
CA SER A 13 -13.16 2.27 -3.40
C SER A 13 -12.02 1.51 -2.72
N THR A 14 -11.42 0.59 -3.46
CA THR A 14 -10.29 -0.19 -2.93
C THR A 14 -9.11 0.72 -2.57
N LEU A 15 -8.78 1.65 -3.47
CA LEU A 15 -7.70 2.60 -3.20
CA LEU A 15 -7.70 2.60 -3.20
C LEU A 15 -7.95 3.37 -1.91
N LYS A 16 -9.16 3.90 -1.76
CA LYS A 16 -9.49 4.65 -0.55
C LYS A 16 -9.37 3.81 0.70
N LYS A 17 -9.91 2.58 0.65
CA LYS A 17 -9.81 1.70 1.82
C LYS A 17 -8.35 1.45 2.19
N LEU A 18 -7.52 1.12 1.21
CA LEU A 18 -6.14 0.73 1.49
C LEU A 18 -5.30 1.92 1.93
N TRP A 19 -5.56 3.09 1.34
CA TRP A 19 -4.82 4.29 1.70
C TRP A 19 -5.20 4.74 3.10
N LEU A 20 -6.47 4.66 3.42
CA LEU A 20 -6.92 5.05 4.75
C LEU A 20 -6.40 4.07 5.80
N ASP A 21 -5.95 2.90 5.35
CA ASP A 21 -5.29 1.91 6.21
C ASP A 21 -3.80 2.19 6.39
N GLY A 22 -3.26 3.06 5.55
CA GLY A 22 -1.84 3.38 5.60
C GLY A 22 -0.89 2.55 4.75
N LEU A 23 -1.43 1.81 3.79
CA LEU A 23 -0.60 1.09 2.82
C LEU A 23 0.06 2.07 1.87
N SER A 24 1.31 1.79 1.49
CA SER A 24 2.02 2.69 0.60
C SER A 24 1.50 2.63 -0.83
N ALA A 25 1.85 3.63 -1.62
CA ALA A 25 1.36 3.72 -2.99
C ALA A 25 1.79 2.52 -3.84
N SER A 26 3.02 2.06 -3.67
CA SER A 26 3.51 0.90 -4.43
CA SER A 26 3.50 0.90 -4.44
C SER A 26 2.77 -0.37 -4.03
N GLN A 27 2.50 -0.52 -2.73
CA GLN A 27 1.76 -1.68 -2.23
C GLN A 27 0.35 -1.72 -2.84
N ILE A 28 -0.32 -0.58 -2.81
CA ILE A 28 -1.67 -0.45 -3.40
C ILE A 28 -1.63 -0.73 -4.89
N ALA A 29 -0.62 -0.20 -5.58
CA ALA A 29 -0.45 -0.44 -7.01
C ALA A 29 -0.34 -1.93 -7.31
N LYS A 30 0.44 -2.62 -6.49
CA LYS A 30 0.62 -4.08 -6.65
C LYS A 30 -0.68 -4.83 -6.40
N GLN A 31 -1.45 -4.36 -5.41
CA GLN A 31 -2.72 -5.01 -5.10
C GLN A 31 -3.72 -4.84 -6.24
N LEU A 32 -3.78 -3.64 -6.79
CA LEU A 32 -4.74 -3.31 -7.84
C LEU A 32 -4.43 -3.91 -9.19
N GLY A 33 -3.14 -3.88 -9.55
CA GLY A 33 -2.72 -4.19 -10.91
C GLY A 33 -3.10 -3.10 -11.87
N GLY A 34 -2.41 -3.01 -13.00
CA GLY A 34 -2.82 -2.10 -14.06
C GLY A 34 -2.41 -0.64 -13.88
N VAL A 35 -1.78 -0.35 -12.75
CA VAL A 35 -1.34 1.01 -12.43
C VAL A 35 0.01 0.96 -11.74
N THR A 36 0.81 2.00 -11.94
CA THR A 36 2.04 2.19 -11.18
C THR A 36 1.80 2.89 -9.84
N ARG A 37 2.85 2.94 -9.01
CA ARG A 37 2.76 3.73 -7.78
C ARG A 37 2.53 5.22 -8.11
N ASN A 38 3.06 5.70 -9.24
CA ASN A 38 2.80 7.07 -9.70
C ASN A 38 1.31 7.33 -9.96
N ALA A 39 0.67 6.40 -10.62
CA ALA A 39 -0.76 6.52 -10.88
C ALA A 39 -1.54 6.56 -9.56
N VAL A 40 -1.14 5.70 -8.63
CA VAL A 40 -1.80 5.67 -7.32
C VAL A 40 -1.64 7.01 -6.61
N ILE A 41 -0.42 7.55 -6.53
CA ILE A 41 -0.21 8.82 -5.85
CA ILE A 41 -0.26 8.82 -5.82
C ILE A 41 -1.01 9.95 -6.53
N GLY A 42 -1.02 9.94 -7.86
CA GLY A 42 -1.76 10.96 -8.56
C GLY A 42 -3.25 10.90 -8.24
N LYS A 43 -3.79 9.68 -8.18
CA LYS A 43 -5.21 9.51 -7.90
C LYS A 43 -5.52 9.92 -6.45
N VAL A 44 -4.63 9.56 -5.52
CA VAL A 44 -4.77 10.00 -4.14
C VAL A 44 -4.87 11.52 -4.07
N HIS A 45 -4.06 12.20 -4.86
CA HIS A 45 -4.12 13.65 -4.88
C HIS A 45 -5.39 14.19 -5.47
N ARG A 46 -5.85 13.60 -6.57
CA ARG A 46 -7.04 14.13 -7.20
C ARG A 46 -8.27 13.87 -6.32
N LEU A 47 -8.21 12.82 -5.51
CA LEU A 47 -9.30 12.50 -4.58
C LEU A 47 -9.31 13.41 -3.35
N GLY A 48 -8.22 14.14 -3.16
CA GLY A 48 -8.09 15.06 -2.04
C GLY A 48 -7.74 14.39 -0.73
N LEU A 49 -7.06 13.24 -0.82
CA LEU A 49 -6.66 12.50 0.36
C LEU A 49 -5.31 13.00 0.88
N MET B 5 -6.30 -7.62 -12.63
CA MET B 5 -5.04 -7.79 -13.36
C MET B 5 -3.83 -7.61 -12.43
N SER B 6 -4.02 -7.93 -11.15
CA SER B 6 -2.92 -7.94 -10.18
C SER B 6 -1.88 -9.00 -10.52
N TRP B 7 -2.33 -10.14 -11.03
CA TRP B 7 -1.43 -11.25 -11.31
C TRP B 7 -0.84 -11.17 -12.72
N THR B 8 0.14 -10.30 -12.87
CA THR B 8 0.90 -10.18 -14.12
C THR B 8 1.67 -11.47 -14.37
N ASP B 9 2.15 -11.65 -15.60
CA ASP B 9 2.97 -12.81 -15.94
C ASP B 9 4.22 -12.90 -15.07
N GLU B 10 4.84 -11.76 -14.79
CA GLU B 10 6.04 -11.73 -13.98
C GLU B 10 5.74 -12.19 -12.56
N ARG B 11 4.59 -11.75 -12.04
CA ARG B 11 4.22 -12.06 -10.68
C ARG B 11 3.80 -13.54 -10.57
N VAL B 12 3.16 -14.06 -11.61
CA VAL B 12 2.81 -15.47 -11.66
C VAL B 12 4.07 -16.33 -11.73
N SER B 13 5.03 -15.90 -12.54
CA SER B 13 6.29 -16.61 -12.68
CA SER B 13 6.28 -16.62 -12.67
C SER B 13 7.05 -16.65 -11.36
N THR B 14 7.11 -15.50 -10.69
CA THR B 14 7.76 -15.41 -9.38
C THR B 14 7.05 -16.31 -8.37
N LEU B 15 5.72 -16.24 -8.35
CA LEU B 15 4.91 -17.09 -7.48
C LEU B 15 5.24 -18.56 -7.69
N LYS B 16 5.22 -19.00 -8.94
CA LYS B 16 5.56 -20.39 -9.29
C LYS B 16 6.95 -20.78 -8.80
N LYS B 17 7.94 -19.95 -9.13
CA LYS B 17 9.32 -20.23 -8.73
C LYS B 17 9.46 -20.38 -7.22
N LEU B 18 8.94 -19.41 -6.48
CA LEU B 18 9.07 -19.42 -5.03
C LEU B 18 8.30 -20.58 -4.41
N TRP B 19 7.13 -20.89 -4.96
CA TRP B 19 6.35 -22.01 -4.46
C TRP B 19 7.15 -23.30 -4.65
N LEU B 20 7.73 -23.46 -5.83
CA LEU B 20 8.53 -24.64 -6.14
C LEU B 20 9.82 -24.72 -5.33
N ASP B 21 10.28 -23.58 -4.83
CA ASP B 21 11.46 -23.52 -3.96
C ASP B 21 11.11 -23.81 -2.51
N GLY B 22 9.83 -24.02 -2.23
CA GLY B 22 9.39 -24.38 -0.89
C GLY B 22 8.99 -23.26 0.05
N LEU B 23 8.90 -22.03 -0.47
CA LEU B 23 8.43 -20.92 0.36
C LEU B 23 6.94 -21.07 0.66
N SER B 24 6.50 -20.60 1.82
CA SER B 24 5.10 -20.72 2.21
C SER B 24 4.27 -19.59 1.63
N ALA B 25 2.95 -19.74 1.66
CA ALA B 25 2.06 -18.70 1.16
C ALA B 25 2.36 -17.34 1.78
N SER B 26 2.55 -17.30 3.10
CA SER B 26 2.83 -16.04 3.78
C SER B 26 4.20 -15.46 3.38
N GLN B 27 5.20 -16.32 3.26
CA GLN B 27 6.52 -15.86 2.83
C GLN B 27 6.46 -15.26 1.41
N ILE B 28 5.71 -15.92 0.54
CA ILE B 28 5.60 -15.45 -0.82
C ILE B 28 4.84 -14.13 -0.85
N ALA B 29 3.81 -14.03 -0.02
CA ALA B 29 3.03 -12.78 0.05
C ALA B 29 3.96 -11.64 0.41
N LYS B 30 4.81 -11.86 1.42
CA LYS B 30 5.77 -10.81 1.76
C LYS B 30 6.71 -10.49 0.59
N GLN B 31 7.20 -11.52 -0.09
CA GLN B 31 8.14 -11.30 -1.22
C GLN B 31 7.54 -10.50 -2.39
N LEU B 32 6.27 -10.76 -2.72
CA LEU B 32 5.62 -10.11 -3.86
C LEU B 32 5.14 -8.69 -3.54
N GLY B 33 4.66 -8.50 -2.33
CA GLY B 33 4.03 -7.25 -1.95
C GLY B 33 2.63 -7.12 -2.53
N GLY B 34 1.81 -6.31 -1.88
CA GLY B 34 0.49 -6.00 -2.41
C GLY B 34 -0.56 -7.07 -2.25
N VAL B 35 -0.18 -8.24 -1.73
CA VAL B 35 -1.12 -9.33 -1.57
C VAL B 35 -1.04 -9.97 -0.18
N THR B 36 -2.13 -10.66 0.20
CA THR B 36 -2.20 -11.39 1.45
C THR B 36 -1.88 -12.88 1.24
N ARG B 37 -1.67 -13.57 2.35
CA ARG B 37 -1.45 -15.00 2.35
C ARG B 37 -2.62 -15.73 1.70
N ASN B 38 -3.82 -15.26 2.01
CA ASN B 38 -5.00 -15.90 1.47
C ASN B 38 -5.00 -15.73 -0.05
N ALA B 39 -4.58 -14.55 -0.52
CA ALA B 39 -4.54 -14.29 -1.96
C ALA B 39 -3.51 -15.19 -2.66
N VAL B 40 -2.36 -15.37 -2.00
CA VAL B 40 -1.31 -16.22 -2.54
C VAL B 40 -1.76 -17.67 -2.63
N ILE B 41 -2.34 -18.23 -1.55
CA ILE B 41 -2.70 -19.65 -1.65
C ILE B 41 -3.89 -19.84 -2.61
N GLY B 42 -4.80 -18.86 -2.66
CA GLY B 42 -5.86 -18.92 -3.64
C GLY B 42 -5.31 -19.01 -5.06
N LYS B 43 -4.31 -18.17 -5.33
CA LYS B 43 -3.76 -18.19 -6.68
C LYS B 43 -2.99 -19.48 -6.96
N VAL B 44 -2.23 -19.96 -5.98
CA VAL B 44 -1.60 -21.28 -6.09
C VAL B 44 -2.61 -22.35 -6.51
N HIS B 45 -3.76 -22.40 -5.83
CA HIS B 45 -4.78 -23.37 -6.21
C HIS B 45 -5.27 -23.14 -7.64
N ARG B 46 -5.40 -21.88 -8.05
CA ARG B 46 -5.85 -21.65 -9.43
C ARG B 46 -4.79 -21.96 -10.49
N LEU B 47 -3.53 -22.10 -10.07
CA LEU B 47 -2.49 -22.47 -11.02
C LEU B 47 -2.36 -23.99 -11.15
N GLY B 48 -3.13 -24.72 -10.33
CA GLY B 48 -3.07 -26.16 -10.32
C GLY B 48 -1.91 -26.69 -9.50
N LEU B 49 -1.76 -26.21 -8.28
CA LEU B 49 -0.66 -26.60 -7.40
C LEU B 49 -1.13 -26.88 -5.97
N MET C 5 -7.33 6.76 11.75
CA MET C 5 -7.71 5.72 10.79
C MET C 5 -6.49 4.88 10.41
N SER C 6 -5.53 5.52 9.73
CA SER C 6 -4.21 4.92 9.51
C SER C 6 -3.29 5.32 10.65
N TRP C 7 -3.82 6.12 11.55
CA TRP C 7 -3.04 6.68 12.65
C TRP C 7 -2.98 5.75 13.86
N THR C 8 -2.26 4.65 13.71
CA THR C 8 -1.97 3.74 14.80
C THR C 8 -1.17 4.47 15.88
N ASP C 9 -1.17 3.92 17.10
CA ASP C 9 -0.40 4.48 18.20
C ASP C 9 1.07 4.65 17.82
N GLU C 10 1.60 3.68 17.08
CA GLU C 10 2.97 3.74 16.62
C GLU C 10 3.19 4.93 15.69
N ARG C 11 2.29 5.08 14.71
CA ARG C 11 2.42 6.13 13.72
C ARG C 11 2.19 7.49 14.34
N VAL C 12 1.26 7.57 15.29
CA VAL C 12 1.02 8.82 16.00
C VAL C 12 2.23 9.22 16.82
N SER C 13 2.82 8.26 17.53
CA SER C 13 4.00 8.56 18.33
C SER C 13 5.15 9.00 17.42
N THR C 14 5.30 8.32 16.28
CA THR C 14 6.31 8.70 15.31
C THR C 14 6.10 10.15 14.84
N LEU C 15 4.85 10.48 14.53
CA LEU C 15 4.49 11.82 14.10
C LEU C 15 4.89 12.84 15.15
N LYS C 16 4.53 12.57 16.41
CA LYS C 16 4.85 13.50 17.48
C LYS C 16 6.36 13.71 17.61
N LYS C 17 7.10 12.60 17.58
CA LYS C 17 8.55 12.63 17.71
C LYS C 17 9.20 13.44 16.59
N LEU C 18 8.80 13.16 15.35
CA LEU C 18 9.40 13.82 14.19
C LEU C 18 8.99 15.28 14.11
N TRP C 19 7.80 15.61 14.57
CA TRP C 19 7.36 17.00 14.57
C TRP C 19 8.20 17.77 15.57
N LEU C 20 8.42 17.17 16.73
CA LEU C 20 9.30 17.80 17.73
C LEU C 20 10.72 17.97 17.21
N ASP C 21 11.17 17.02 16.41
CA ASP C 21 12.50 17.07 15.79
C ASP C 21 12.64 18.19 14.76
N GLY C 22 11.51 18.73 14.32
CA GLY C 22 11.52 19.83 13.36
C GLY C 22 11.37 19.42 11.90
N LEU C 23 11.08 18.15 11.64
CA LEU C 23 10.88 17.68 10.27
C LEU C 23 9.64 18.31 9.67
N SER C 24 9.64 18.51 8.35
CA SER C 24 8.46 19.04 7.66
C SER C 24 7.42 17.95 7.53
N ALA C 25 6.18 18.37 7.31
CA ALA C 25 5.09 17.43 7.06
C ALA C 25 5.40 16.58 5.83
N SER C 26 6.09 17.16 4.86
CA SER C 26 6.49 16.41 3.68
C SER C 26 7.46 15.27 4.04
N GLN C 27 8.50 15.61 4.79
CA GLN C 27 9.43 14.59 5.25
C GLN C 27 8.74 13.49 6.04
N ILE C 28 7.79 13.88 6.88
CA ILE C 28 7.13 12.92 7.76
C ILE C 28 6.24 12.01 6.95
N ALA C 29 5.55 12.57 5.96
CA ALA C 29 4.70 11.74 5.10
C ALA C 29 5.56 10.74 4.33
N LYS C 30 6.72 11.18 3.86
CA LYS C 30 7.63 10.25 3.15
C LYS C 30 8.18 9.16 4.06
N GLN C 31 8.42 9.49 5.31
CA GLN C 31 8.96 8.49 6.24
C GLN C 31 7.88 7.49 6.67
N LEU C 32 6.68 7.98 6.94
CA LEU C 32 5.58 7.10 7.36
C LEU C 32 5.09 6.18 6.23
N GLY C 33 4.80 6.76 5.08
CA GLY C 33 4.19 6.04 3.98
C GLY C 33 2.70 5.94 4.21
N GLY C 34 1.92 5.80 3.14
CA GLY C 34 0.49 5.62 3.26
C GLY C 34 -0.24 6.83 3.81
N VAL C 35 0.32 8.02 3.60
CA VAL C 35 -0.30 9.27 4.02
C VAL C 35 0.31 10.43 3.24
N THR C 36 -0.49 11.46 2.99
CA THR C 36 0.00 12.64 2.28
C THR C 36 0.48 13.70 3.24
N ARG C 37 1.28 14.64 2.74
CA ARG C 37 1.72 15.76 3.53
C ARG C 37 0.54 16.59 4.06
N ASN C 38 -0.45 16.84 3.21
CA ASN C 38 -1.62 17.57 3.64
C ASN C 38 -2.33 16.92 4.83
N ALA C 39 -2.43 15.59 4.78
CA ALA C 39 -3.05 14.83 5.86
C ALA C 39 -2.21 14.84 7.13
N VAL C 40 -0.88 14.86 6.97
CA VAL C 40 0.01 14.96 8.13
C VAL C 40 -0.23 16.30 8.82
N ILE C 41 -0.28 17.39 8.04
CA ILE C 41 -0.61 18.70 8.63
C ILE C 41 -1.95 18.65 9.37
N GLY C 42 -2.95 18.06 8.71
CA GLY C 42 -4.24 17.83 9.35
C GLY C 42 -4.12 17.17 10.71
N LYS C 43 -3.37 16.08 10.78
CA LYS C 43 -3.24 15.34 12.04
C LYS C 43 -2.52 16.17 13.08
N VAL C 44 -1.48 16.90 12.65
CA VAL C 44 -0.74 17.78 13.54
C VAL C 44 -1.72 18.70 14.23
N HIS C 45 -2.67 19.24 13.49
CA HIS C 45 -3.61 20.16 14.14
C HIS C 45 -4.71 19.49 14.94
N ARG C 46 -5.18 18.33 14.50
CA ARG C 46 -6.15 17.59 15.29
C ARG C 46 -5.53 17.17 16.62
N LEU C 47 -4.19 17.06 16.65
CA LEU C 47 -3.48 16.76 17.89
C LEU C 47 -3.11 18.03 18.66
N GLY C 48 -3.18 19.16 17.98
CA GLY C 48 -2.83 20.44 18.59
C GLY C 48 -1.35 20.57 18.92
N LEU C 49 -0.51 20.02 18.05
CA LEU C 49 0.94 20.05 18.27
C LEU C 49 1.56 21.37 17.85
#